data_6O1S
#
_entry.id   6O1S
#
_cell.length_a   55.685
_cell.length_b   57.450
_cell.length_c   86.215
_cell.angle_alpha   90.00
_cell.angle_beta   90.00
_cell.angle_gamma   90.00
#
_symmetry.space_group_name_H-M   'P 21 21 21'
#
loop_
_entity.id
_entity.type
_entity.pdbx_description
1 polymer 'Plasma kallikrein'
2 non-polymer 'PHOSPHATE ION'
3 non-polymer 1,2-ETHANEDIOL
4 non-polymer N-[(6-amino-2,4-dimethylpyridin-3-yl)methyl]-1-({4-[(1H-pyrazol-1-yl)methyl]phenyl}methyl)-1H-pyrazole-4-carboxamide
5 water water
#
_entity_poly.entity_id   1
_entity_poly.type   'polypeptide(L)'
_entity_poly.pdbx_seq_one_letter_code
;NTGDNSVCTTKTSTRIVGGTESSWGEWPWQVSLQVKLTAQRHLCGGSLIGHQWVLTAAHCFDGLPLQDVWRIYSGILELS
DITKDTPFSQIKEIIIHQNYKVSEGNHDIALIKLQAPLEYTEFQKPISLPSKGDTSTIYTNCWVTGWGFSKEKGEIQNIL
QKVNIPLVTNEECQKRYQDYKITQRMVCAGYKEGGKDACKGDSGGPLVCKHNGMWRLVGITSWGEGCARREQPGVYTKVA
EYMDWILEKTQSSDGKAQMQSPA
;
_entity_poly.pdbx_strand_id   E
#
loop_
_chem_comp.id
_chem_comp.type
_chem_comp.name
_chem_comp.formula
7SD non-polymer N-[(6-amino-2,4-dimethylpyridin-3-yl)methyl]-1-({4-[(1H-pyrazol-1-yl)methyl]phenyl}methyl)-1H-pyrazole-4-carboxamide 'C23 H25 N7 O'
EDO non-polymer 1,2-ETHANEDIOL 'C2 H6 O2'
PO4 non-polymer 'PHOSPHATE ION' 'O4 P -3'
#
# COMPACT_ATOMS: atom_id res chain seq x y z
N ILE A 16 -8.14 -4.56 6.66
CA ILE A 16 -9.13 -3.51 6.51
C ILE A 16 -10.24 -3.69 7.53
N VAL A 17 -10.44 -2.68 8.38
CA VAL A 17 -11.51 -2.65 9.39
C VAL A 17 -12.68 -1.88 8.81
N GLY A 18 -13.89 -2.46 8.91
CA GLY A 18 -15.09 -1.74 8.51
C GLY A 18 -15.34 -1.67 7.03
N GLY A 19 -14.64 -2.49 6.23
CA GLY A 19 -14.84 -2.52 4.80
C GLY A 19 -15.76 -3.64 4.35
N THR A 20 -15.75 -3.89 3.04
CA THR A 20 -16.55 -4.95 2.43
C THR A 20 -15.73 -5.61 1.33
N GLU A 21 -16.29 -6.68 0.74
CA GLU A 21 -15.53 -7.46 -0.23
C GLU A 21 -15.45 -6.74 -1.57
N SER A 22 -14.27 -6.78 -2.17
CA SER A 22 -14.05 -6.25 -3.51
C SER A 22 -14.49 -7.25 -4.56
N SER A 23 -14.64 -6.77 -5.79
CA SER A 23 -15.00 -7.62 -6.91
CA SER A 23 -15.01 -7.60 -6.93
C SER A 23 -13.80 -7.82 -7.83
N TRP A 24 -13.91 -8.82 -8.71
CA TRP A 24 -12.82 -9.08 -9.64
C TRP A 24 -12.54 -7.85 -10.49
N GLY A 25 -11.25 -7.56 -10.66
CA GLY A 25 -10.82 -6.45 -11.48
C GLY A 25 -11.14 -5.07 -10.93
N GLU A 26 -11.63 -4.98 -9.69
CA GLU A 26 -11.98 -3.66 -9.16
C GLU A 26 -10.74 -2.84 -8.84
N TRP A 27 -9.70 -3.49 -8.33
CA TRP A 27 -8.46 -2.85 -7.90
C TRP A 27 -7.31 -3.60 -8.55
N PRO A 28 -7.13 -3.44 -9.87
CA PRO A 28 -6.20 -4.33 -10.61
C PRO A 28 -4.74 -4.05 -10.33
N TRP A 29 -4.42 -2.99 -9.61
CA TRP A 29 -3.05 -2.70 -9.20
C TRP A 29 -2.69 -3.34 -7.87
N GLN A 30 -3.66 -3.90 -7.13
CA GLN A 30 -3.35 -4.44 -5.82
C GLN A 30 -2.53 -5.72 -5.98
N VAL A 31 -1.40 -5.82 -5.25
CA VAL A 31 -0.65 -7.07 -5.22
C VAL A 31 -0.52 -7.54 -3.78
N SER A 32 -0.22 -8.83 -3.64
CA SER A 32 0.04 -9.46 -2.35
C SER A 32 1.50 -9.89 -2.32
N LEU A 33 2.24 -9.43 -1.31
CA LEU A 33 3.63 -9.80 -1.09
C LEU A 33 3.68 -10.93 -0.07
N GLN A 34 4.17 -12.10 -0.48
CA GLN A 34 4.14 -13.28 0.36
C GLN A 34 5.54 -13.84 0.53
N VAL A 35 5.75 -14.52 1.63
CA VAL A 35 7.00 -15.23 1.88
C VAL A 35 6.71 -16.72 1.90
N LYS A 36 7.51 -17.49 1.17
CA LYS A 36 7.36 -18.93 1.13
C LYS A 36 8.46 -19.54 1.98
N LEU A 37 8.07 -20.00 3.17
CA LEU A 37 8.95 -20.71 4.08
C LEU A 37 8.34 -22.10 4.15
N THR A 38 8.48 -22.80 5.28
CA THR A 38 7.72 -24.03 5.44
C THR A 38 6.29 -23.93 4.94
N ALA A 39 5.58 -22.90 5.39
CA ALA A 39 4.30 -22.51 4.83
C ALA A 39 4.45 -21.18 4.10
N GLN A 40 3.45 -20.83 3.30
CA GLN A 40 3.45 -19.56 2.57
C GLN A 40 2.42 -18.63 3.17
N ARG A 41 2.79 -17.36 3.39
CA ARG A 41 1.86 -16.44 4.00
C ARG A 41 1.96 -15.07 3.39
N HIS A 42 0.79 -14.42 3.29
CA HIS A 42 0.72 -13.02 2.93
C HIS A 42 1.31 -12.16 4.04
N LEU A 43 2.21 -11.24 3.70
CA LEU A 43 2.76 -10.33 4.70
C LEU A 43 2.33 -8.88 4.50
N CYS A 44 2.29 -8.43 3.25
N CYS A 44 2.20 -8.43 3.28
CA CYS A 44 2.11 -7.02 2.94
CA CYS A 44 1.82 -7.05 3.08
C CYS A 44 1.39 -6.85 1.61
C CYS A 44 1.29 -6.87 1.68
N GLY A 45 0.78 -5.67 1.43
CA GLY A 45 0.29 -5.30 0.12
C GLY A 45 1.33 -4.48 -0.66
N GLY A 46 0.96 -4.17 -1.89
CA GLY A 46 1.73 -3.26 -2.72
C GLY A 46 0.88 -2.83 -3.88
N SER A 47 1.43 -1.90 -4.67
CA SER A 47 0.73 -1.38 -5.84
C SER A 47 1.59 -1.57 -7.08
N LEU A 48 1.01 -2.17 -8.11
CA LEU A 48 1.69 -2.21 -9.41
C LEU A 48 1.67 -0.83 -10.04
N ILE A 49 2.84 -0.30 -10.37
CA ILE A 49 2.95 1.02 -10.98
C ILE A 49 3.58 0.98 -12.37
N GLY A 50 4.17 -0.14 -12.76
CA GLY A 50 4.71 -0.29 -14.09
C GLY A 50 4.81 -1.77 -14.39
N HIS A 51 5.21 -2.09 -15.62
CA HIS A 51 5.35 -3.49 -16.00
C HIS A 51 6.25 -4.26 -15.06
N GLN A 52 7.30 -3.60 -14.55
CA GLN A 52 8.32 -4.29 -13.75
C GLN A 52 8.50 -3.68 -12.37
N TRP A 53 7.54 -2.87 -11.90
CA TRP A 53 7.75 -2.08 -10.68
C TRP A 53 6.53 -2.15 -9.76
N VAL A 54 6.80 -2.43 -8.48
CA VAL A 54 5.78 -2.38 -7.43
C VAL A 54 6.21 -1.38 -6.38
N LEU A 55 5.25 -0.62 -5.86
CA LEU A 55 5.49 0.32 -4.78
C LEU A 55 4.90 -0.27 -3.50
N THR A 56 5.67 -0.25 -2.41
CA THR A 56 5.20 -0.82 -1.14
C THR A 56 5.83 -0.03 0.00
N ALA A 57 5.67 -0.54 1.24
CA ALA A 57 6.22 0.08 2.43
C ALA A 57 7.57 -0.54 2.78
N ALA A 58 8.55 0.32 3.12
CA ALA A 58 9.87 -0.18 3.51
C ALA A 58 9.79 -1.12 4.71
N HIS A 59 8.89 -0.85 5.65
CA HIS A 59 8.92 -1.63 6.89
C HIS A 59 8.51 -3.08 6.67
N CYS A 60 7.90 -3.39 5.52
CA CYS A 60 7.62 -4.77 5.17
C CYS A 60 8.89 -5.60 5.07
N PHE A 61 10.05 -4.96 4.87
CA PHE A 61 11.31 -5.69 4.72
C PHE A 61 12.21 -5.62 5.95
N ASP A 62 11.66 -5.25 7.11
CA ASP A 62 12.49 -5.05 8.30
C ASP A 62 13.13 -6.34 8.81
N GLY A 63 12.66 -7.50 8.38
CA GLY A 63 13.24 -8.76 8.82
C GLY A 63 14.58 -9.05 8.19
N LEU A 64 14.98 -10.32 8.25
CA LEU A 64 16.24 -10.74 7.62
C LEU A 64 16.23 -10.39 6.14
N PRO A 65 17.38 -10.01 5.58
CA PRO A 65 17.46 -9.75 4.13
C PRO A 65 17.51 -11.04 3.33
N LEU A 66 16.40 -11.37 2.67
CA LEU A 66 16.29 -12.60 1.89
C LEU A 66 15.22 -12.46 0.82
N GLN A 67 15.47 -11.64 -0.20
CA GLN A 67 14.46 -11.46 -1.23
C GLN A 67 14.14 -12.76 -1.96
N ASP A 68 14.94 -13.81 -1.74
CA ASP A 68 14.78 -15.10 -2.40
C ASP A 68 13.46 -15.78 -2.04
N VAL A 69 12.93 -15.54 -0.84
CA VAL A 69 11.74 -16.22 -0.37
C VAL A 69 10.45 -15.50 -0.74
N TRP A 70 10.53 -14.32 -1.34
CA TRP A 70 9.32 -13.53 -1.62
C TRP A 70 8.66 -13.97 -2.92
N ARG A 71 7.33 -13.95 -2.92
CA ARG A 71 6.53 -14.21 -4.12
C ARG A 71 5.48 -13.12 -4.19
N ILE A 72 5.33 -12.49 -5.35
CA ILE A 72 4.43 -11.35 -5.49
C ILE A 72 3.28 -11.78 -6.39
N TYR A 73 2.05 -11.68 -5.89
CA TYR A 73 0.88 -12.14 -6.62
C TYR A 73 0.08 -10.94 -7.10
N SER A 74 -0.24 -10.93 -8.39
CA SER A 74 -1.05 -9.90 -9.00
C SER A 74 -2.26 -10.52 -9.65
N GLY A 75 -3.25 -9.68 -9.94
CA GLY A 75 -4.48 -10.18 -10.54
C GLY A 75 -5.18 -11.24 -9.72
N ILE A 76 -5.17 -11.12 -8.39
CA ILE A 76 -5.82 -12.10 -7.52
C ILE A 76 -6.79 -11.40 -6.57
N LEU A 77 -7.87 -12.08 -6.26
CA LEU A 77 -8.87 -11.55 -5.34
C LEU A 77 -8.87 -12.26 -4.00
N GLU A 78 -8.72 -13.58 -4.00
CA GLU A 78 -8.84 -14.39 -2.79
C GLU A 78 -7.53 -15.10 -2.52
N LEU A 79 -6.98 -14.89 -1.32
CA LEU A 79 -5.74 -15.56 -0.96
C LEU A 79 -5.87 -17.07 -1.04
N SER A 80 -7.06 -17.61 -0.75
CA SER A 80 -7.28 -19.05 -0.85
C SER A 80 -7.18 -19.56 -2.28
N ASP A 81 -7.31 -18.70 -3.28
CA ASP A 81 -7.16 -19.16 -4.66
C ASP A 81 -5.72 -19.43 -5.03
N ILE A 82 -4.76 -19.09 -4.18
CA ILE A 82 -3.35 -19.25 -4.50
C ILE A 82 -2.93 -20.68 -4.23
N THR A 83 -2.37 -21.33 -5.25
CA THR A 83 -1.82 -22.66 -5.13
C THR A 83 -0.51 -22.69 -5.89
N LYS A 84 0.10 -23.87 -5.94
CA LYS A 84 1.34 -24.04 -6.68
C LYS A 84 1.16 -23.65 -8.14
N ASP A 85 -0.07 -23.76 -8.67
CA ASP A 85 -0.34 -23.46 -10.07
C ASP A 85 -0.49 -21.97 -10.37
N THR A 86 -0.65 -21.14 -9.34
CA THR A 86 -0.86 -19.71 -9.54
C THR A 86 0.45 -19.05 -9.96
N PRO A 87 0.47 -18.27 -11.04
CA PRO A 87 1.71 -17.59 -11.42
C PRO A 87 2.04 -16.49 -10.41
N PHE A 88 3.33 -16.23 -10.26
CA PHE A 88 3.78 -15.19 -9.36
C PHE A 88 5.03 -14.52 -9.92
N SER A 89 5.31 -13.32 -9.41
CA SER A 89 6.50 -12.57 -9.75
C SER A 89 7.53 -12.72 -8.64
N GLN A 90 8.81 -12.58 -9.01
CA GLN A 90 9.89 -12.62 -8.04
C GLN A 90 10.61 -11.28 -8.01
N ILE A 91 11.34 -11.06 -6.92
CA ILE A 91 12.01 -9.78 -6.69
C ILE A 91 13.40 -9.81 -7.34
N LYS A 92 13.67 -8.80 -8.16
CA LYS A 92 15.00 -8.59 -8.71
C LYS A 92 15.82 -7.64 -7.83
N GLU A 93 15.18 -6.60 -7.31
CA GLU A 93 15.86 -5.59 -6.51
C GLU A 93 14.84 -4.96 -5.57
N ILE A 94 15.29 -4.63 -4.37
CA ILE A 94 14.52 -3.84 -3.40
C ILE A 94 15.25 -2.52 -3.21
N ILE A 95 14.54 -1.41 -3.40
CA ILE A 95 15.13 -0.09 -3.22
C ILE A 95 14.40 0.56 -2.05
N ILE A 96 15.05 0.60 -0.90
CA ILE A 96 14.50 1.24 0.28
C ILE A 96 15.01 2.67 0.35
N HIS A 97 14.13 3.60 0.74
CA HIS A 97 14.52 5.00 0.77
C HIS A 97 15.73 5.18 1.68
N GLN A 98 16.66 6.02 1.23
CA GLN A 98 17.97 6.08 1.89
C GLN A 98 17.91 6.65 3.30
N ASN A 99 16.84 7.36 3.65
CA ASN A 99 16.74 7.91 5.00
C ASN A 99 15.80 7.11 5.88
N TYR A 100 15.30 5.99 5.40
CA TYR A 100 14.46 5.14 6.22
C TYR A 100 15.29 4.44 7.30
N LYS A 101 14.77 4.44 8.53
CA LYS A 101 15.39 3.78 9.66
C LYS A 101 14.48 2.67 10.17
N VAL A 102 15.02 1.47 10.32
CA VAL A 102 14.23 0.34 10.82
C VAL A 102 13.57 0.71 12.13
N SER A 103 12.28 0.38 12.25
CA SER A 103 11.42 0.56 13.42
C SER A 103 10.87 1.98 13.51
N GLU A 104 11.28 2.91 12.66
CA GLU A 104 10.81 4.28 12.68
C GLU A 104 9.93 4.55 11.46
N GLY A 105 9.22 5.68 11.49
CA GLY A 105 8.14 5.91 10.55
C GLY A 105 8.44 6.75 9.33
N ASN A 106 9.49 7.57 9.39
CA ASN A 106 9.82 8.42 8.25
C ASN A 106 10.19 7.59 7.03
N HIS A 107 9.76 8.07 5.85
CA HIS A 107 10.20 7.48 4.57
C HIS A 107 9.85 6.01 4.47
N ASP A 108 8.63 5.64 4.88
CA ASP A 108 8.20 4.25 4.85
C ASP A 108 7.77 3.93 3.41
N ILE A 109 8.76 3.71 2.55
CA ILE A 109 8.49 3.52 1.13
C ILE A 109 9.62 2.71 0.52
N ALA A 110 9.26 1.76 -0.34
CA ALA A 110 10.23 0.92 -1.03
C ALA A 110 9.73 0.65 -2.43
N LEU A 111 10.67 0.59 -3.39
CA LEU A 111 10.38 0.15 -4.74
C LEU A 111 10.85 -1.29 -4.89
N ILE A 112 10.05 -2.10 -5.57
CA ILE A 112 10.39 -3.48 -5.91
C ILE A 112 10.50 -3.58 -7.41
N LYS A 113 11.66 -3.98 -7.91
CA LYS A 113 11.81 -4.29 -9.32
C LYS A 113 11.61 -5.79 -9.51
N LEU A 114 10.69 -6.15 -10.42
CA LEU A 114 10.38 -7.55 -10.66
C LEU A 114 11.41 -8.19 -11.59
N GLN A 115 11.58 -9.51 -11.46
CA GLN A 115 12.55 -10.19 -12.31
C GLN A 115 12.10 -10.24 -13.76
N ALA A 116 10.79 -10.20 -14.00
CA ALA A 116 10.24 -10.26 -15.35
C ALA A 116 9.09 -9.26 -15.45
N PRO A 117 8.93 -8.59 -16.59
CA PRO A 117 7.81 -7.63 -16.72
C PRO A 117 6.48 -8.35 -16.83
N LEU A 118 5.46 -7.74 -16.23
CA LEU A 118 4.09 -8.23 -16.35
C LEU A 118 3.38 -7.51 -17.49
N GLU A 119 2.54 -8.25 -18.20
CA GLU A 119 1.66 -7.63 -19.19
C GLU A 119 0.33 -7.26 -18.54
N TYR A 120 -0.29 -6.21 -19.06
CA TYR A 120 -1.52 -5.68 -18.47
C TYR A 120 -2.75 -6.38 -19.01
N THR A 121 -3.73 -6.60 -18.14
CA THR A 121 -5.01 -7.18 -18.48
C THR A 121 -6.07 -6.45 -17.68
N GLU A 122 -7.33 -6.79 -17.86
CA GLU A 122 -8.32 -6.17 -17.00
C GLU A 122 -8.18 -6.59 -15.55
N PHE A 123 -7.41 -7.65 -15.27
CA PHE A 123 -7.19 -8.13 -13.91
C PHE A 123 -5.91 -7.60 -13.28
N GLN A 124 -4.95 -7.13 -14.08
CA GLN A 124 -3.72 -6.59 -13.50
C GLN A 124 -3.21 -5.46 -14.37
N LYS A 125 -3.19 -4.26 -13.82
CA LYS A 125 -2.68 -3.12 -14.55
C LYS A 125 -2.33 -2.04 -13.55
N PRO A 126 -1.58 -1.03 -13.95
CA PRO A 126 -0.95 -0.14 -12.98
C PRO A 126 -1.89 0.97 -12.51
N ILE A 127 -1.61 1.47 -11.31
CA ILE A 127 -2.26 2.67 -10.80
C ILE A 127 -1.44 3.87 -11.24
N SER A 128 -2.13 4.93 -11.68
CA SER A 128 -1.46 6.16 -12.08
C SER A 128 -0.87 6.86 -10.86
N LEU A 129 0.34 7.40 -11.02
CA LEU A 129 0.98 8.18 -9.97
C LEU A 129 0.51 9.63 -10.00
N PRO A 130 0.62 10.35 -8.88
CA PRO A 130 0.19 11.74 -8.85
C PRO A 130 0.95 12.56 -9.88
N SER A 131 0.25 13.49 -10.53
CA SER A 131 0.85 14.33 -11.55
C SER A 131 1.43 15.59 -10.91
N LYS A 132 2.56 16.06 -11.46
CA LYS A 132 3.26 17.18 -10.87
C LYS A 132 2.41 18.44 -10.81
N GLY A 133 1.41 18.56 -11.69
CA GLY A 133 0.55 19.73 -11.71
C GLY A 133 -0.57 19.72 -10.69
N ASP A 134 -0.67 18.67 -9.88
CA ASP A 134 -1.74 18.51 -8.89
C ASP A 134 -1.23 18.71 -7.47
N THR A 135 -0.32 19.67 -7.28
CA THR A 135 0.19 19.93 -5.94
C THR A 135 -0.89 20.53 -5.04
N SER A 136 -1.80 21.32 -5.59
CA SER A 136 -2.82 22.00 -4.80
C SER A 136 -4.11 21.18 -4.67
N THR A 137 -4.09 19.91 -5.06
CA THR A 137 -5.30 19.10 -5.10
C THR A 137 -5.73 18.67 -3.70
N ILE A 138 -7.02 18.77 -3.43
CA ILE A 138 -7.62 18.23 -2.22
C ILE A 138 -8.41 16.99 -2.64
N TYR A 139 -7.82 15.82 -2.46
CA TYR A 139 -8.40 14.60 -2.99
C TYR A 139 -9.66 14.21 -2.21
N THR A 140 -10.64 13.69 -2.95
CA THR A 140 -11.87 13.18 -2.38
C THR A 140 -12.13 11.79 -2.93
N ASN A 141 -13.08 11.10 -2.31
CA ASN A 141 -13.43 9.74 -2.67
C ASN A 141 -12.16 8.86 -2.71
N CYS A 142 -11.64 8.63 -1.52
CA CYS A 142 -10.43 7.82 -1.35
C CYS A 142 -10.78 6.44 -0.81
N TRP A 143 -10.06 5.43 -1.30
CA TRP A 143 -10.26 4.06 -0.92
C TRP A 143 -8.93 3.45 -0.50
N VAL A 144 -9.01 2.55 0.49
N VAL A 144 -8.97 2.55 0.50
CA VAL A 144 -7.88 1.74 0.93
CA VAL A 144 -7.82 1.76 0.91
C VAL A 144 -8.29 0.29 0.80
C VAL A 144 -8.23 0.30 0.91
N THR A 145 -7.37 -0.56 0.32
CA THR A 145 -7.70 -1.95 0.08
C THR A 145 -6.62 -2.87 0.63
N GLY A 146 -7.00 -4.10 0.95
CA GLY A 146 -6.01 -5.04 1.41
C GLY A 146 -6.64 -6.28 2.02
N TRP A 147 -5.76 -7.22 2.35
CA TRP A 147 -6.11 -8.47 3.00
C TRP A 147 -5.77 -8.47 4.48
N GLY A 148 -5.48 -7.31 5.07
CA GLY A 148 -5.09 -7.25 6.47
C GLY A 148 -6.24 -7.54 7.44
N PHE A 149 -5.91 -7.37 8.73
CA PHE A 149 -6.86 -7.64 9.80
C PHE A 149 -8.15 -6.84 9.63
N SER A 150 -9.28 -7.46 9.95
CA SER A 150 -10.56 -6.76 9.97
C SER A 150 -10.91 -6.24 11.35
N LYS A 151 -10.10 -6.54 12.36
CA LYS A 151 -10.24 -5.96 13.69
C LYS A 151 -8.86 -5.89 14.31
N GLU A 152 -8.73 -5.01 15.30
CA GLU A 152 -7.42 -4.70 15.83
C GLU A 152 -6.64 -5.96 16.21
N LYS A 153 -7.29 -6.93 16.86
CA LYS A 153 -6.60 -8.17 17.18
C LYS A 153 -7.10 -9.30 16.30
N GLY A 154 -7.13 -9.08 14.99
CA GLY A 154 -7.81 -9.96 14.07
C GLY A 154 -6.89 -10.90 13.33
N GLU A 155 -7.24 -11.19 12.08
CA GLU A 155 -6.51 -12.13 11.25
C GLU A 155 -6.63 -11.72 9.79
N ILE A 156 -5.65 -12.17 9.00
CA ILE A 156 -5.66 -11.92 7.56
C ILE A 156 -7.00 -12.35 6.98
N GLN A 157 -7.52 -11.55 6.05
CA GLN A 157 -8.79 -11.79 5.39
C GLN A 157 -8.58 -12.46 4.05
N ASN A 158 -9.50 -13.36 3.69
CA ASN A 158 -9.35 -14.13 2.46
C ASN A 158 -9.64 -13.30 1.21
N ILE A 159 -10.77 -12.60 1.18
CA ILE A 159 -11.17 -11.81 0.02
C ILE A 159 -10.71 -10.38 0.21
N LEU A 160 -10.11 -9.80 -0.84
CA LEU A 160 -9.61 -8.44 -0.78
C LEU A 160 -10.70 -7.49 -0.32
N GLN A 161 -10.41 -6.74 0.75
CA GLN A 161 -11.36 -5.83 1.36
C GLN A 161 -11.14 -4.42 0.85
N LYS A 162 -12.20 -3.61 0.85
CA LYS A 162 -12.15 -2.22 0.44
C LYS A 162 -12.91 -1.37 1.46
N VAL A 163 -12.41 -0.16 1.69
CA VAL A 163 -13.13 0.79 2.56
C VAL A 163 -12.85 2.20 2.06
N ASN A 164 -13.87 3.06 2.14
CA ASN A 164 -13.75 4.45 1.75
C ASN A 164 -13.48 5.28 3.00
N ILE A 165 -12.42 6.09 2.97
CA ILE A 165 -12.00 6.90 4.13
C ILE A 165 -11.64 8.31 3.65
N PRO A 166 -12.08 9.35 4.34
CA PRO A 166 -11.67 10.71 3.96
C PRO A 166 -10.29 11.05 4.46
N LEU A 167 -9.59 11.86 3.68
CA LEU A 167 -8.33 12.44 4.16
C LEU A 167 -8.60 13.45 5.26
N VAL A 168 -7.61 13.61 6.14
CA VAL A 168 -7.63 14.64 7.16
C VAL A 168 -6.38 15.49 6.99
N THR A 169 -6.44 16.72 7.49
CA THR A 169 -5.32 17.62 7.35
C THR A 169 -4.13 17.13 8.15
N ASN A 170 -2.93 17.51 7.72
CA ASN A 170 -1.75 17.14 8.49
C ASN A 170 -1.75 17.83 9.84
N GLU A 171 -2.35 19.02 9.93
CA GLU A 171 -2.46 19.69 11.22
C GLU A 171 -3.28 18.84 12.20
N GLU A 172 -4.43 18.36 11.75
CA GLU A 172 -5.27 17.52 12.59
C GLU A 172 -4.57 16.21 12.92
N CYS A 173 -3.97 15.56 11.91
CA CYS A 173 -3.25 14.32 12.16
C CYS A 173 -2.18 14.51 13.22
N GLN A 174 -1.38 15.56 13.08
CA GLN A 174 -0.31 15.83 14.05
C GLN A 174 -0.88 15.99 15.45
N LYS A 175 -2.02 16.66 15.57
CA LYS A 175 -2.67 16.83 16.87
C LYS A 175 -2.92 15.49 17.55
N ARG A 176 -3.33 14.48 16.78
CA ARG A 176 -3.66 13.18 17.37
C ARG A 176 -2.43 12.34 17.68
N TYR A 177 -1.27 12.71 17.14
CA TYR A 177 -0.05 11.93 17.26
C TYR A 177 1.11 12.84 17.69
N GLN A 178 0.96 13.47 18.85
CA GLN A 178 2.01 14.37 19.32
C GLN A 178 3.14 13.64 20.03
N ASP A 179 3.12 12.30 19.99
CA ASP A 179 4.29 11.50 20.34
C ASP A 179 5.17 11.22 19.13
N TYR A 180 4.74 11.61 17.94
CA TYR A 180 5.51 11.48 16.72
C TYR A 180 5.44 12.78 15.94
N LYS A 181 6.30 12.90 14.94
CA LYS A 181 6.26 14.05 14.03
C LYS A 181 5.56 13.61 12.74
N ILE A 182 4.34 14.10 12.54
CA ILE A 182 3.64 13.90 11.29
C ILE A 182 4.20 14.93 10.30
N THR A 183 4.90 14.47 9.29
CA THR A 183 5.62 15.36 8.39
C THR A 183 4.80 15.64 7.14
N GLN A 184 5.30 16.58 6.33
CA GLN A 184 4.62 16.90 5.08
C GLN A 184 4.75 15.78 4.05
N ARG A 185 5.59 14.78 4.30
CA ARG A 185 5.69 13.61 3.43
C ARG A 185 4.77 12.48 3.88
N MET A 186 3.87 12.76 4.81
CA MET A 186 2.83 11.83 5.24
C MET A 186 1.47 12.43 4.90
N VAL A 187 0.49 11.54 4.69
CA VAL A 187 -0.90 11.92 4.54
C VAL A 187 -1.72 11.00 5.43
N CYS A 188 -2.76 11.54 6.07
CA CYS A 188 -3.55 10.77 7.02
C CYS A 188 -5.00 10.69 6.58
N ALA A 189 -5.68 9.63 7.03
CA ALA A 189 -7.06 9.38 6.64
C ALA A 189 -7.79 8.64 7.77
N GLY A 190 -9.01 9.05 8.05
CA GLY A 190 -9.76 8.39 9.10
C GLY A 190 -11.02 9.16 9.42
N TYR A 191 -11.82 8.57 10.30
CA TYR A 191 -13.05 9.18 10.79
C TYR A 191 -12.87 9.63 12.24
N LYS A 192 -13.58 10.69 12.62
CA LYS A 192 -13.44 11.16 13.99
C LYS A 192 -13.76 10.06 14.99
N GLU A 193 -14.83 9.31 14.75
CA GLU A 193 -15.23 8.24 15.65
C GLU A 193 -14.68 6.88 15.24
N GLY A 194 -13.69 6.85 14.35
CA GLY A 194 -13.04 5.63 13.93
C GLY A 194 -14.00 4.71 13.19
N GLY A 195 -13.71 3.41 13.28
CA GLY A 195 -14.55 2.38 12.70
C GLY A 195 -14.15 1.92 11.32
N LYS A 196 -13.33 2.70 10.61
CA LYS A 196 -12.84 2.34 9.28
C LYS A 196 -11.36 2.71 9.18
N ASP A 197 -10.52 1.74 8.78
CA ASP A 197 -9.07 1.94 8.83
C ASP A 197 -8.39 0.76 8.14
N ALA A 198 -7.15 0.98 7.74
CA ALA A 198 -6.24 -0.11 7.42
C ALA A 198 -5.70 -0.71 8.72
N CYS A 199 -5.11 -1.89 8.63
CA CYS A 199 -4.59 -2.56 9.82
C CYS A 199 -3.40 -3.44 9.43
N LYS A 200 -2.94 -4.27 10.37
CA LYS A 200 -1.82 -5.16 10.09
C LYS A 200 -2.13 -6.07 8.90
N GLY A 201 -1.15 -6.22 8.02
CA GLY A 201 -1.31 -6.95 6.78
C GLY A 201 -1.75 -6.10 5.59
N ASP A 202 -2.25 -4.89 5.84
CA ASP A 202 -2.53 -3.95 4.76
C ASP A 202 -1.33 -3.09 4.39
N SER A 203 -0.30 -3.06 5.24
CA SER A 203 0.87 -2.23 5.00
C SER A 203 1.38 -2.39 3.57
N GLY A 204 1.80 -1.27 2.98
CA GLY A 204 2.37 -1.29 1.65
C GLY A 204 1.36 -1.19 0.53
N GLY A 205 0.07 -1.43 0.83
CA GLY A 205 -0.97 -1.32 -0.17
C GLY A 205 -1.34 0.12 -0.48
N PRO A 206 -2.28 0.28 -1.41
CA PRO A 206 -2.61 1.62 -1.92
C PRO A 206 -3.66 2.34 -1.09
N LEU A 207 -3.52 3.68 -1.06
CA LEU A 207 -4.60 4.62 -0.77
C LEU A 207 -4.81 5.34 -2.09
N VAL A 208 -5.95 5.11 -2.74
CA VAL A 208 -6.21 5.74 -4.04
C VAL A 208 -7.38 6.70 -3.89
N CYS A 209 -7.31 7.79 -4.63
CA CYS A 209 -8.39 8.75 -4.68
C CYS A 209 -8.70 9.07 -6.14
N LYS A 210 -9.97 9.31 -6.43
CA LYS A 210 -10.41 9.62 -7.79
C LYS A 210 -10.28 11.12 -8.02
N HIS A 211 -9.59 11.50 -9.09
CA HIS A 211 -9.39 12.90 -9.43
C HIS A 211 -9.59 13.07 -10.92
N ASN A 212 -10.49 13.95 -11.31
CA ASN A 212 -10.77 14.17 -12.73
C ASN A 212 -11.07 12.85 -13.43
N GLY A 213 -11.88 12.02 -12.77
CA GLY A 213 -12.28 10.75 -13.34
C GLY A 213 -11.18 9.72 -13.47
N MET A 214 -10.04 9.93 -12.83
CA MET A 214 -8.95 8.96 -12.86
C MET A 214 -8.54 8.61 -11.45
N TRP A 215 -8.25 7.33 -11.23
CA TRP A 215 -7.64 6.89 -9.99
C TRP A 215 -6.19 7.35 -9.91
N ARG A 216 -5.79 7.82 -8.73
CA ARG A 216 -4.41 8.23 -8.47
C ARG A 216 -3.95 7.61 -7.17
N LEU A 217 -2.71 7.15 -7.15
CA LEU A 217 -2.09 6.62 -5.93
C LEU A 217 -1.66 7.78 -5.06
N VAL A 218 -2.40 8.02 -3.98
CA VAL A 218 -2.14 9.15 -3.10
C VAL A 218 -1.28 8.74 -1.92
N GLY A 219 -1.50 7.54 -1.37
CA GLY A 219 -0.76 7.09 -0.21
C GLY A 219 -0.35 5.64 -0.28
N ILE A 220 0.65 5.31 0.54
CA ILE A 220 1.09 3.95 0.79
C ILE A 220 0.75 3.64 2.24
N THR A 221 -0.04 2.59 2.46
CA THR A 221 -0.48 2.24 3.81
C THR A 221 0.72 1.97 4.70
N SER A 222 0.75 2.62 5.87
CA SER A 222 1.94 2.53 6.72
C SER A 222 1.61 2.16 8.15
N TRP A 223 0.81 2.96 8.86
CA TRP A 223 0.77 2.80 10.31
C TRP A 223 -0.45 3.48 10.90
N GLY A 224 -0.77 3.05 12.12
CA GLY A 224 -1.74 3.73 12.98
C GLY A 224 -1.54 3.21 14.38
N GLU A 225 -2.03 3.98 15.37
CA GLU A 225 -1.98 3.51 16.75
C GLU A 225 -3.23 2.67 17.01
N GLY A 226 -3.05 1.38 17.16
CA GLY A 226 -4.23 0.53 17.12
C GLY A 226 -4.79 0.54 15.71
N CYS A 227 -6.03 0.06 15.58
CA CYS A 227 -6.73 0.02 14.30
C CYS A 227 -8.15 0.54 14.49
N ALA A 228 -8.50 1.57 13.72
CA ALA A 228 -9.87 2.08 13.63
C ALA A 228 -10.34 2.73 14.92
N ARG A 229 -9.42 3.20 15.74
CA ARG A 229 -9.80 3.85 16.99
C ARG A 229 -10.28 5.28 16.73
N ARG A 230 -11.10 5.80 17.64
CA ARG A 230 -11.58 7.16 17.47
C ARG A 230 -10.42 8.15 17.54
N GLU A 231 -10.47 9.17 16.67
CA GLU A 231 -9.46 10.23 16.64
C GLU A 231 -8.04 9.65 16.60
N GLN A 232 -7.87 8.57 15.82
CA GLN A 232 -6.55 7.98 15.56
C GLN A 232 -6.50 7.64 14.09
N PRO A 233 -6.25 8.63 13.23
CA PRO A 233 -6.29 8.37 11.78
C PRO A 233 -5.14 7.49 11.34
N GLY A 234 -5.34 6.86 10.17
CA GLY A 234 -4.27 6.10 9.56
C GLY A 234 -3.23 7.03 8.96
N VAL A 235 -1.96 6.64 9.08
CA VAL A 235 -0.84 7.42 8.53
C VAL A 235 -0.34 6.69 7.29
N TYR A 236 -0.18 7.44 6.20
CA TYR A 236 0.21 6.89 4.90
C TYR A 236 1.40 7.68 4.36
N THR A 237 2.27 7.01 3.62
CA THR A 237 3.32 7.75 2.94
C THR A 237 2.73 8.52 1.76
N LYS A 238 2.99 9.83 1.71
CA LYS A 238 2.40 10.71 0.70
C LYS A 238 3.18 10.56 -0.59
N VAL A 239 2.61 9.82 -1.55
CA VAL A 239 3.34 9.46 -2.76
C VAL A 239 3.78 10.71 -3.53
N ALA A 240 2.95 11.75 -3.55
CA ALA A 240 3.30 12.95 -4.30
C ALA A 240 4.64 13.52 -3.84
N GLU A 241 4.95 13.39 -2.55
CA GLU A 241 6.16 13.94 -1.98
C GLU A 241 7.37 13.06 -2.24
N TYR A 242 7.18 11.92 -2.92
CA TYR A 242 8.27 11.04 -3.27
C TYR A 242 8.42 10.84 -4.78
N MET A 243 7.75 11.68 -5.59
CA MET A 243 7.78 11.46 -7.03
C MET A 243 9.18 11.71 -7.60
N ASP A 244 9.90 12.69 -7.08
CA ASP A 244 11.29 12.87 -7.53
C ASP A 244 12.10 11.61 -7.27
N TRP A 245 11.97 11.05 -6.06
CA TRP A 245 12.70 9.84 -5.70
C TRP A 245 12.27 8.66 -6.56
N ILE A 246 10.96 8.48 -6.73
CA ILE A 246 10.47 7.39 -7.55
C ILE A 246 11.03 7.48 -8.97
N LEU A 247 10.98 8.69 -9.56
CA LEU A 247 11.47 8.85 -10.92
C LEU A 247 12.96 8.62 -11.02
N GLU A 248 13.73 9.15 -10.06
CA GLU A 248 15.18 8.96 -10.08
C GLU A 248 15.53 7.48 -9.92
N LYS A 249 14.87 6.79 -8.99
CA LYS A 249 15.27 5.41 -8.70
C LYS A 249 14.85 4.44 -9.80
N THR A 250 13.79 4.75 -10.53
CA THR A 250 13.33 3.88 -11.60
C THR A 250 13.90 4.27 -12.95
N GLN A 251 14.68 5.34 -13.03
CA GLN A 251 15.16 5.83 -14.31
C GLN A 251 16.07 4.82 -14.98
N SER A 252 16.10 4.86 -16.31
CA SER A 252 16.97 4.00 -17.10
C SER A 252 17.07 4.60 -18.49
N SER A 253 18.24 4.46 -19.11
CA SER A 253 18.52 5.09 -20.39
C SER A 253 18.08 4.30 -21.61
N ASP A 254 18.83 3.27 -21.96
CA ASP A 254 18.55 2.48 -23.16
C ASP A 254 19.50 1.29 -23.27
P PO4 B . 14.48 12.52 -1.80
O1 PO4 B . 13.43 11.70 -1.09
O2 PO4 B . 15.02 13.57 -0.87
O3 PO4 B . 13.86 13.19 -3.02
O4 PO4 B . 15.62 11.63 -2.26
C1 EDO C . -5.68 -7.67 -7.99
O1 EDO C . -5.08 -8.48 -6.97
C2 EDO C . -6.97 -7.02 -7.49
O2 EDO C . -8.03 -7.97 -7.36
C01 7SD D . -0.24 -1.61 13.23
C02 7SD D . -1.04 -0.88 12.13
C04 7SD D . -2.88 0.61 11.50
N05 7SD D . -4.03 1.47 11.86
C07 7SD D . -1.52 -0.30 9.83
C09 7SD D . -0.75 -0.99 10.81
C10 7SD D . 0.45 -1.91 10.36
C12 7SD D . 2.74 -1.65 11.22
C14 7SD D . 4.10 -0.88 11.25
C15 7SD D . 5.22 -1.30 11.89
C18 7SD D . 6.45 1.73 10.44
C19 7SD D . 6.09 2.86 11.40
C20 7SD D . 5.26 3.96 10.93
C22 7SD D . 5.39 4.90 13.14
C23 7SD D . 4.98 6.03 14.09
C26 7SD D . 4.88 9.27 12.37
C27 7SD D . 6.22 9.00 12.40
C29 7SD D . 6.17 3.84 13.59
C31 7SD D . 4.44 0.32 10.60
C03 7SD D . -2.15 -0.06 12.50
N06 7SD D . -2.56 0.48 10.25
C08 7SD D . -1.26 -0.36 8.33
N11 7SD D . 1.71 -1.20 10.43
O13 7SD D . 2.59 -2.67 11.93
N16 7SD D . 6.19 -0.40 11.68
N17 7SD D . 5.69 0.58 10.87
C21 7SD D . 4.92 4.94 11.79
N24 7SD D . 5.18 7.31 13.39
C25 7SD D . 4.24 8.17 13.02
N28 7SD D . 6.40 7.81 13.03
C30 7SD D . 6.52 2.81 12.69
H011 7SD D . -0.11 -1.01 13.99
H013 7SD D . 0.65 -1.88 12.86
H012 7SD D . -0.73 -2.39 13.51
H052 7SD D . -4.16 2.30 11.40
H051 7SD D . -4.58 1.23 12.48
H101 7SD D . 0.30 -2.21 9.43
H102 7SD D . 0.50 -2.68 10.94
H151 7SD D . 5.30 -2.12 12.44
H181 7SD D . 6.20 1.98 9.51
H182 7SD D . 7.45 1.54 10.50
H201 7SD D . 4.96 3.98 10.02
H232 7SD D . 5.55 6.00 14.92
H231 7SD D . 4.04 5.93 14.33
H261 7SD D . 4.45 10.05 11.99
H271 7SD D . 6.95 9.60 12.02
H291 7SD D . 6.46 3.82 14.52
H311 7SD D . 3.88 0.83 10.07
H031 7SD D . -2.39 0.05 13.43
H083 7SD D . -1.31 0.54 7.96
H082 7SD D . -1.92 -0.92 7.92
H081 7SD D . -0.31 -0.77 8.16
H111 7SD D . 1.83 -0.46 9.90
H211 7SD D . 4.38 5.68 11.48
H251 7SD D . 3.31 8.07 13.16
H301 7SD D . 7.08 2.04 13.02
#